data_3CRC
#
_entry.id   3CRC
#
_cell.length_a   63.23
_cell.length_b   66.91
_cell.length_c   140.70
_cell.angle_alpha   90.00
_cell.angle_beta   90.00
_cell.angle_gamma   90.00
#
_symmetry.space_group_name_H-M   'P 21 21 21'
#
loop_
_entity.id
_entity.type
_entity.pdbx_description
1 polymer 'Protein mazG'
2 non-polymer 'MAGNESIUM ION'
3 non-polymer "ADENOSINE-5'-TRIPHOSPHATE"
4 water water
#
_entity_poly.entity_id   1
_entity_poly.type   'polypeptide(L)'
_entity_poly.pdbx_seq_one_letter_code
;GHMNQIDRLLTIMQRLRDPENGCPWDKEQTFATIAPYTLEETYEVLDAIAREDFDDLRGELGDLLFQVVFYAQMAQEEGR
FDFNDICAAISDKLERRHPHVFADSSAENSSEVLARWEQIKTEERAQKAQHSALDDIPRSLPALMRAQKIQKRCANVGFD
WTTLGPVVDKVYEEIDEVMYEARQAVVDQAKLEEEMGDLLFATVNLARHLGTKAEIALQKANEKFERRFREVERIVAARG
LEMTGVDLETMEEVWQQVARQEIDL
;
_entity_poly.pdbx_strand_id   A,B
#
loop_
_chem_comp.id
_chem_comp.type
_chem_comp.name
_chem_comp.formula
ATP non-polymer ADENOSINE-5'-TRIPHOSPHATE 'C10 H16 N5 O13 P3'
MG non-polymer 'MAGNESIUM ION' 'Mg 2'
#
# COMPACT_ATOMS: atom_id res chain seq x y z
N ASN A 4 5.78 -24.04 -19.46
CA ASN A 4 5.77 -24.62 -20.86
C ASN A 4 4.70 -24.10 -21.91
N GLN A 5 3.58 -23.57 -21.39
CA GLN A 5 2.60 -22.81 -22.19
C GLN A 5 3.24 -21.45 -22.28
N ILE A 6 3.89 -21.09 -21.18
CA ILE A 6 4.77 -19.94 -21.15
C ILE A 6 5.33 -19.62 -22.55
N ASP A 7 5.62 -20.67 -23.30
CA ASP A 7 6.30 -20.55 -24.55
C ASP A 7 5.31 -20.02 -25.54
N ARG A 8 4.06 -20.56 -25.46
CA ARG A 8 2.84 -20.16 -26.28
C ARG A 8 2.55 -18.71 -25.93
N LEU A 9 2.79 -18.39 -24.68
CA LEU A 9 2.78 -17.02 -24.33
C LEU A 9 3.90 -16.20 -25.06
N LEU A 10 5.17 -16.61 -24.88
CA LEU A 10 6.25 -15.63 -25.04
C LEU A 10 6.04 -15.15 -26.41
N THR A 11 5.60 -16.11 -27.20
CA THR A 11 5.19 -15.95 -28.59
C THR A 11 4.19 -14.82 -28.88
N ILE A 12 2.91 -15.19 -28.77
CA ILE A 12 1.77 -14.34 -29.04
C ILE A 12 2.18 -12.94 -28.87
N MET A 13 2.97 -12.74 -27.83
CA MET A 13 3.78 -11.59 -27.79
C MET A 13 4.54 -11.38 -29.14
N GLN A 14 5.42 -12.29 -29.56
CA GLN A 14 5.88 -12.16 -30.93
C GLN A 14 4.65 -11.65 -31.64
N ARG A 15 3.77 -12.64 -31.94
CA ARG A 15 2.82 -12.64 -33.09
C ARG A 15 1.86 -11.47 -32.91
N LEU A 16 2.08 -10.71 -31.85
CA LEU A 16 1.09 -9.78 -31.33
C LEU A 16 1.67 -8.39 -31.30
N ARG A 17 2.97 -8.37 -30.96
CA ARG A 17 3.69 -7.14 -31.04
C ARG A 17 4.43 -7.14 -32.37
N ASP A 18 4.28 -8.30 -33.06
CA ASP A 18 4.76 -8.55 -34.43
C ASP A 18 4.74 -7.45 -35.44
N PRO A 19 5.91 -7.22 -36.04
CA PRO A 19 6.32 -6.01 -36.79
C PRO A 19 5.46 -5.26 -37.86
N GLU A 20 4.79 -5.83 -38.89
CA GLU A 20 4.14 -7.16 -39.26
C GLU A 20 2.69 -7.65 -38.79
N ASN A 21 2.53 -8.81 -38.17
CA ASN A 21 1.13 -9.25 -37.78
C ASN A 21 0.93 -9.85 -36.38
N GLY A 22 0.13 -9.26 -35.45
CA GLY A 22 -0.75 -8.07 -35.63
C GLY A 22 -0.08 -6.69 -35.73
N CYS A 23 -0.65 -5.55 -35.23
CA CYS A 23 -1.88 -5.35 -34.38
C CYS A 23 -1.66 -4.20 -33.30
N PRO A 24 -2.17 -2.92 -33.44
CA PRO A 24 -3.54 -2.60 -33.23
C PRO A 24 -4.29 -3.63 -32.38
N TRP A 25 -4.30 -3.48 -31.03
CA TRP A 25 -3.74 -2.33 -30.18
C TRP A 25 -2.53 -2.65 -29.25
N ASP A 26 -2.44 -3.90 -28.82
CA ASP A 26 -1.26 -4.45 -28.19
C ASP A 26 0.07 -4.07 -28.86
N LYS A 27 0.07 -3.59 -30.07
CA LYS A 27 1.37 -3.27 -30.62
C LYS A 27 1.67 -1.86 -30.37
N GLU A 28 0.73 -1.11 -29.79
CA GLU A 28 0.93 0.36 -29.78
C GLU A 28 1.45 0.95 -28.46
N GLN A 29 1.73 0.01 -27.55
CA GLN A 29 2.07 0.25 -26.17
C GLN A 29 3.54 0.57 -25.81
N THR A 30 3.81 1.79 -25.33
CA THR A 30 5.05 1.96 -24.59
C THR A 30 4.96 1.30 -23.17
N PHE A 31 6.06 1.41 -22.46
CA PHE A 31 6.13 1.11 -21.04
C PHE A 31 5.35 2.14 -20.27
N ALA A 32 5.44 3.38 -20.75
CA ALA A 32 4.92 4.50 -19.96
C ALA A 32 3.46 4.21 -19.98
N THR A 33 3.03 3.24 -20.78
CA THR A 33 1.57 3.04 -20.75
C THR A 33 0.99 1.70 -20.34
N ILE A 34 1.65 0.60 -20.62
CA ILE A 34 1.32 -0.52 -19.77
C ILE A 34 1.25 -0.05 -18.30
N ALA A 35 2.22 0.75 -17.82
CA ALA A 35 2.33 1.08 -16.39
C ALA A 35 1.01 1.12 -15.55
N PRO A 36 0.00 1.85 -15.98
CA PRO A 36 -1.24 1.71 -15.18
C PRO A 36 -1.86 0.34 -14.96
N TYR A 37 -1.82 -0.59 -15.87
CA TYR A 37 -2.64 -1.76 -15.67
C TYR A 37 -1.84 -2.66 -14.89
N THR A 38 -0.56 -2.32 -14.79
CA THR A 38 0.21 -3.06 -13.79
C THR A 38 -0.28 -2.66 -12.43
N LEU A 39 -0.58 -1.37 -12.23
CA LEU A 39 -1.08 -0.92 -10.97
C LEU A 39 -2.39 -1.55 -10.73
N GLU A 40 -3.43 -1.15 -11.46
CA GLU A 40 -4.77 -1.83 -11.47
C GLU A 40 -4.69 -3.35 -11.21
N GLU A 41 -3.94 -4.11 -12.00
CA GLU A 41 -3.79 -5.55 -11.69
C GLU A 41 -3.11 -5.83 -10.39
N THR A 42 -1.90 -5.37 -10.15
CA THR A 42 -1.43 -5.56 -8.83
C THR A 42 -2.66 -5.37 -7.93
N TYR A 43 -3.49 -4.38 -8.24
CA TYR A 43 -4.57 -4.12 -7.27
C TYR A 43 -5.67 -5.12 -7.28
N GLU A 44 -5.84 -5.82 -8.35
CA GLU A 44 -6.83 -6.84 -8.29
C GLU A 44 -6.12 -8.02 -7.63
N VAL A 45 -4.84 -8.17 -7.89
CA VAL A 45 -4.22 -9.37 -7.37
C VAL A 45 -4.29 -9.51 -5.85
N LEU A 46 -4.50 -8.40 -5.15
CA LEU A 46 -4.68 -8.49 -3.73
C LEU A 46 -6.14 -8.51 -3.48
N ASP A 47 -6.95 -8.11 -4.41
CA ASP A 47 -8.32 -8.15 -4.04
C ASP A 47 -8.59 -9.58 -3.73
N ALA A 48 -8.39 -10.49 -4.71
CA ALA A 48 -8.54 -11.94 -4.53
C ALA A 48 -7.90 -12.49 -3.23
N ILE A 49 -6.58 -12.52 -3.12
CA ILE A 49 -5.98 -12.96 -1.84
C ILE A 49 -6.41 -12.21 -0.57
N ALA A 50 -7.50 -11.46 -0.69
CA ALA A 50 -8.26 -10.94 0.49
C ALA A 50 -9.78 -11.33 0.40
N ARG A 51 -10.36 -11.25 -0.81
CA ARG A 51 -11.58 -12.00 -1.20
C ARG A 51 -11.53 -13.58 -1.19
N GLU A 52 -10.37 -14.18 -1.42
CA GLU A 52 -10.14 -15.67 -1.38
C GLU A 52 -10.59 -16.49 -2.57
N ASP A 53 -10.44 -15.89 -3.75
CA ASP A 53 -11.20 -16.20 -4.95
C ASP A 53 -10.31 -16.95 -6.06
N PHE A 54 -10.28 -18.29 -6.02
CA PHE A 54 -9.24 -19.06 -6.75
C PHE A 54 -9.41 -19.27 -8.25
N ASP A 55 -10.67 -19.18 -8.72
CA ASP A 55 -10.89 -18.90 -10.16
C ASP A 55 -10.33 -17.56 -10.60
N ASP A 56 -10.91 -16.45 -10.10
CA ASP A 56 -10.45 -15.11 -10.45
C ASP A 56 -8.93 -15.09 -10.44
N LEU A 57 -8.37 -15.64 -9.34
CA LEU A 57 -6.94 -15.54 -9.05
C LEU A 57 -5.92 -16.18 -10.02
N ARG A 58 -6.28 -17.27 -10.70
CA ARG A 58 -5.46 -17.68 -11.87
C ARG A 58 -5.59 -16.60 -12.99
N GLY A 59 -6.78 -16.55 -13.61
CA GLY A 59 -7.19 -15.51 -14.58
C GLY A 59 -6.47 -14.20 -14.35
N GLU A 60 -6.43 -13.75 -13.07
CA GLU A 60 -5.89 -12.44 -12.65
C GLU A 60 -4.38 -12.43 -12.62
N LEU A 61 -3.77 -13.30 -11.83
CA LEU A 61 -2.32 -13.46 -11.95
C LEU A 61 -1.84 -13.51 -13.39
N GLY A 62 -2.51 -14.27 -14.21
CA GLY A 62 -2.06 -14.29 -15.55
C GLY A 62 -2.10 -12.90 -16.17
N ASP A 63 -3.19 -12.16 -15.98
CA ASP A 63 -3.20 -10.85 -16.67
C ASP A 63 -2.02 -10.03 -16.19
N LEU A 64 -1.56 -10.27 -14.95
CA LEU A 64 -0.32 -9.70 -14.46
C LEU A 64 0.93 -10.37 -15.08
N LEU A 65 1.02 -11.70 -15.03
CA LEU A 65 2.24 -12.37 -15.56
C LEU A 65 2.52 -11.61 -16.80
N PHE A 66 1.63 -11.83 -17.73
CA PHE A 66 1.45 -11.05 -18.89
C PHE A 66 2.08 -9.63 -18.92
N GLN A 67 1.80 -8.73 -17.96
CA GLN A 67 2.58 -7.47 -17.97
C GLN A 67 4.07 -7.74 -17.87
N VAL A 68 4.45 -8.61 -16.91
CA VAL A 68 5.85 -8.86 -16.69
C VAL A 68 6.49 -9.26 -17.98
N VAL A 69 5.69 -9.89 -18.86
CA VAL A 69 6.07 -10.28 -20.24
C VAL A 69 5.96 -9.11 -21.17
N PHE A 70 4.79 -8.54 -21.26
CA PHE A 70 4.72 -7.31 -22.01
C PHE A 70 5.97 -6.36 -21.86
N TYR A 71 6.54 -6.30 -20.68
CA TYR A 71 7.62 -5.40 -20.57
C TYR A 71 8.75 -6.14 -21.29
N ALA A 72 9.17 -7.26 -20.70
CA ALA A 72 10.10 -8.13 -21.35
C ALA A 72 9.96 -8.17 -22.89
N GLN A 73 8.79 -8.14 -23.53
CA GLN A 73 8.92 -8.07 -25.01
C GLN A 73 9.60 -6.71 -25.33
N MET A 74 8.83 -5.63 -25.19
CA MET A 74 9.28 -4.30 -25.43
C MET A 74 10.72 -4.06 -25.00
N ALA A 75 11.15 -4.58 -23.86
CA ALA A 75 12.58 -4.36 -23.44
C ALA A 75 13.42 -4.90 -24.55
N GLN A 76 13.09 -6.10 -24.94
CA GLN A 76 13.83 -6.79 -25.92
C GLN A 76 13.57 -6.35 -27.41
N GLU A 77 12.63 -5.45 -27.63
CA GLU A 77 12.54 -4.85 -28.90
C GLU A 77 13.60 -3.75 -28.95
N GLU A 78 13.94 -3.14 -27.82
CA GLU A 78 14.97 -2.15 -27.86
C GLU A 78 16.24 -2.90 -27.57
N GLY A 79 16.17 -4.23 -27.58
CA GLY A 79 17.33 -5.14 -27.32
C GLY A 79 18.06 -5.06 -25.96
N ARG A 80 17.33 -4.70 -24.91
CA ARG A 80 17.87 -4.57 -23.54
C ARG A 80 17.91 -5.88 -22.81
N PHE A 81 16.89 -6.70 -22.96
CA PHE A 81 16.84 -7.98 -22.28
C PHE A 81 15.63 -8.82 -22.59
N ASP A 82 15.68 -10.11 -22.27
CA ASP A 82 14.63 -10.97 -22.74
C ASP A 82 13.94 -11.50 -21.54
N PHE A 83 12.71 -11.97 -21.72
CA PHE A 83 11.94 -12.51 -20.66
C PHE A 83 12.91 -13.31 -19.95
N ASN A 84 13.69 -14.06 -20.72
CA ASN A 84 14.57 -15.03 -20.06
C ASN A 84 15.72 -14.38 -19.18
N ASP A 85 16.63 -13.55 -19.73
CA ASP A 85 17.48 -12.67 -18.89
C ASP A 85 16.68 -12.31 -17.65
N ILE A 86 15.40 -11.96 -17.73
CA ILE A 86 14.65 -11.56 -16.45
C ILE A 86 14.62 -12.70 -15.41
N CYS A 87 14.12 -13.89 -15.75
CA CYS A 87 14.38 -15.02 -14.93
C CYS A 87 15.81 -15.07 -14.25
N ALA A 88 16.86 -15.02 -15.09
CA ALA A 88 18.23 -15.12 -14.54
C ALA A 88 18.62 -13.87 -13.85
N ALA A 89 17.90 -12.79 -13.90
CA ALA A 89 18.38 -11.77 -12.97
C ALA A 89 18.06 -12.33 -11.51
N ILE A 90 16.81 -12.80 -11.36
CA ILE A 90 16.29 -13.20 -10.10
C ILE A 90 16.85 -14.58 -9.88
N SER A 91 16.63 -15.46 -10.85
CA SER A 91 17.16 -16.77 -10.64
C SER A 91 18.56 -16.59 -10.00
N ASP A 92 19.35 -15.59 -10.36
CA ASP A 92 20.76 -15.42 -9.88
C ASP A 92 20.97 -14.71 -8.57
N LYS A 93 19.84 -14.36 -8.00
CA LYS A 93 19.85 -13.28 -7.09
C LYS A 93 18.87 -13.55 -5.95
N LEU A 94 17.95 -14.51 -6.19
CA LEU A 94 17.47 -15.40 -5.13
C LEU A 94 18.65 -16.27 -4.78
N GLU A 95 18.95 -17.19 -5.73
CA GLU A 95 19.72 -18.41 -5.51
C GLU A 95 20.88 -18.19 -4.64
N ARG A 96 21.58 -17.10 -4.91
CA ARG A 96 22.59 -16.60 -4.07
C ARG A 96 21.90 -15.90 -2.87
N ARG A 97 21.06 -16.67 -2.15
CA ARG A 97 20.81 -16.61 -0.65
C ARG A 97 21.34 -17.95 -0.05
N HIS A 98 20.72 -19.04 -0.57
CA HIS A 98 21.21 -20.44 -0.59
C HIS A 98 22.51 -20.74 0.18
N PRO A 99 22.53 -21.86 0.92
CA PRO A 99 21.33 -22.75 0.97
C PRO A 99 20.41 -22.49 2.13
N SER A 132 23.15 8.62 1.96
CA SER A 132 21.81 8.84 2.57
C SER A 132 20.61 7.82 2.40
N ALA A 133 19.98 7.41 3.52
CA ALA A 133 19.15 6.24 3.43
C ALA A 133 17.70 6.66 3.24
N LEU A 134 17.60 7.93 2.88
CA LEU A 134 16.40 8.30 2.18
C LEU A 134 17.07 8.60 0.86
N ASP A 135 17.77 7.66 0.26
CA ASP A 135 17.93 7.88 -1.20
C ASP A 135 17.07 6.83 -1.75
N ASP A 136 16.34 7.12 -2.82
CA ASP A 136 15.81 5.98 -3.55
C ASP A 136 14.71 5.27 -2.84
N ILE A 137 13.90 6.11 -2.24
CA ILE A 137 12.57 5.77 -1.82
C ILE A 137 11.83 6.60 -2.85
N PRO A 138 11.09 5.97 -3.85
CA PRO A 138 10.19 6.58 -4.94
C PRO A 138 9.37 7.91 -4.64
N ARG A 139 8.44 8.41 -5.45
CA ARG A 139 7.44 9.36 -4.83
C ARG A 139 5.93 9.00 -4.96
N SER A 140 5.51 8.75 -6.21
CA SER A 140 4.55 7.80 -6.59
C SER A 140 3.93 7.15 -5.37
N LEU A 141 4.75 6.44 -4.57
CA LEU A 141 4.42 5.76 -3.30
C LEU A 141 3.48 6.40 -2.27
N PRO A 142 2.42 5.68 -1.85
CA PRO A 142 1.42 6.28 -0.94
C PRO A 142 2.00 6.76 0.41
N ALA A 143 1.41 7.84 0.93
CA ALA A 143 1.84 8.43 2.22
C ALA A 143 2.17 7.38 3.32
N LEU A 144 1.18 6.62 3.65
CA LEU A 144 1.36 5.49 4.43
C LEU A 144 2.66 4.72 3.99
N MET A 145 2.76 4.22 2.74
CA MET A 145 3.92 3.31 2.47
C MET A 145 5.21 4.08 2.55
N ARG A 146 5.21 5.28 2.05
CA ARG A 146 6.41 5.94 2.19
C ARG A 146 6.67 6.53 3.60
N ALA A 147 5.72 6.58 4.51
CA ALA A 147 6.25 7.00 5.78
C ALA A 147 6.77 5.71 6.50
N GLN A 148 6.02 4.64 6.60
CA GLN A 148 6.68 3.46 7.05
C GLN A 148 8.11 3.31 6.46
N LYS A 149 8.27 3.38 5.10
CA LYS A 149 9.54 3.09 4.37
C LYS A 149 10.60 4.11 4.77
N ILE A 150 10.26 5.34 4.56
CA ILE A 150 11.21 6.30 5.10
C ILE A 150 11.61 5.97 6.54
N GLN A 151 10.59 5.91 7.44
CA GLN A 151 10.79 5.37 8.76
C GLN A 151 11.50 4.03 8.87
N LYS A 152 11.17 2.93 8.18
CA LYS A 152 12.03 1.76 8.44
C LYS A 152 13.47 2.19 8.16
N ARG A 153 13.57 3.12 7.23
CA ARG A 153 14.83 3.62 6.79
C ARG A 153 15.61 4.35 7.81
N CYS A 154 15.07 5.28 8.57
CA CYS A 154 16.02 5.81 9.59
C CYS A 154 16.26 4.83 10.75
N ALA A 155 15.50 3.74 10.72
CA ALA A 155 15.58 2.85 11.80
C ALA A 155 16.81 2.00 11.58
N ASN A 156 17.11 1.59 10.35
CA ASN A 156 18.27 0.74 10.12
C ASN A 156 19.57 1.46 10.30
N VAL A 157 19.57 2.74 10.71
CA VAL A 157 20.82 3.38 11.17
C VAL A 157 20.57 3.85 12.61
N GLY A 158 19.77 2.99 13.31
CA GLY A 158 19.08 3.22 14.58
C GLY A 158 18.68 4.65 14.84
N PHE A 159 17.76 5.18 14.05
CA PHE A 159 17.14 6.47 14.38
C PHE A 159 15.68 6.18 14.48
N ASP A 160 15.23 6.12 15.73
CA ASP A 160 13.96 5.45 16.07
C ASP A 160 13.66 5.47 17.53
N TRP A 161 12.48 5.07 17.90
CA TRP A 161 12.19 5.10 19.27
C TRP A 161 12.52 3.71 19.70
N THR A 162 12.87 3.70 20.97
CA THR A 162 13.53 2.58 21.58
C THR A 162 12.34 1.83 22.31
N THR A 163 11.30 2.56 22.71
CA THR A 163 10.15 1.91 23.40
C THR A 163 8.70 2.38 23.18
N LEU A 164 7.83 1.43 22.91
CA LEU A 164 6.44 1.77 22.57
C LEU A 164 5.77 3.02 23.25
N GLY A 165 6.16 3.24 24.48
CA GLY A 165 5.39 4.11 25.33
C GLY A 165 5.43 5.44 24.67
N PRO A 166 6.65 5.88 24.29
CA PRO A 166 6.51 7.28 23.93
C PRO A 166 6.38 7.44 22.42
N VAL A 167 6.39 6.33 21.63
CA VAL A 167 5.84 6.44 20.27
C VAL A 167 4.46 7.04 20.58
N VAL A 168 3.63 6.26 21.32
CA VAL A 168 2.18 6.56 21.41
C VAL A 168 2.04 7.87 22.03
N ASP A 169 2.97 8.21 22.91
CA ASP A 169 2.62 9.39 23.53
C ASP A 169 2.54 10.49 22.43
N LYS A 170 3.47 10.44 21.50
CA LYS A 170 3.66 11.54 20.60
C LYS A 170 2.51 11.66 19.69
N VAL A 171 1.69 10.65 19.62
CA VAL A 171 0.49 10.83 18.89
C VAL A 171 -0.19 11.83 19.70
N TYR A 172 -0.97 11.42 20.64
CA TYR A 172 -1.45 12.34 21.65
C TYR A 172 -0.89 13.71 21.51
N GLU A 173 0.40 13.85 21.63
CA GLU A 173 0.93 15.18 21.63
C GLU A 173 0.57 15.92 20.43
N GLU A 174 0.07 15.27 19.43
CA GLU A 174 0.13 15.89 18.12
C GLU A 174 -1.21 16.16 17.60
N ILE A 175 -2.13 15.26 17.85
CA ILE A 175 -3.46 15.63 18.17
C ILE A 175 -3.70 16.90 18.89
N ASP A 176 -2.88 17.22 19.84
CA ASP A 176 -3.13 18.36 20.68
C ASP A 176 -2.65 19.56 19.94
N GLU A 177 -1.69 19.31 19.08
CA GLU A 177 -1.18 20.32 18.20
C GLU A 177 -2.24 20.68 17.22
N VAL A 178 -2.73 19.71 16.52
CA VAL A 178 -3.93 19.82 15.72
C VAL A 178 -4.99 20.65 16.43
N MET A 179 -5.49 20.29 17.61
CA MET A 179 -6.62 21.05 18.14
C MET A 179 -6.22 22.49 18.49
N TYR A 180 -4.95 22.70 18.67
CA TYR A 180 -4.53 24.04 18.92
C TYR A 180 -4.86 24.84 17.70
N GLU A 181 -4.36 24.28 16.60
CA GLU A 181 -4.39 24.93 15.33
C GLU A 181 -5.85 25.16 15.07
N ALA A 182 -6.59 24.07 15.27
CA ALA A 182 -7.95 24.02 14.98
C ALA A 182 -8.82 24.97 15.74
N ARG A 183 -8.37 25.85 16.60
CA ARG A 183 -9.42 26.47 17.42
C ARG A 183 -9.25 27.95 17.45
N GLN A 184 -8.33 28.44 16.69
CA GLN A 184 -7.97 29.77 16.91
C GLN A 184 -9.18 30.62 16.51
N ALA A 185 -9.26 31.88 17.00
CA ALA A 185 -10.21 32.82 16.41
C ALA A 185 -9.89 32.78 14.91
N VAL A 186 -8.64 33.00 14.48
CA VAL A 186 -8.45 32.84 13.04
C VAL A 186 -7.57 31.65 12.66
N VAL A 187 -8.23 30.65 12.06
CA VAL A 187 -7.50 29.45 11.76
C VAL A 187 -6.39 29.75 10.74
N ASP A 188 -5.18 29.39 11.04
CA ASP A 188 -4.19 29.42 9.98
C ASP A 188 -4.20 28.05 9.22
N GLN A 189 -5.05 27.93 8.16
CA GLN A 189 -5.16 26.67 7.28
C GLN A 189 -3.89 25.94 6.97
N ALA A 190 -2.84 26.70 6.62
CA ALA A 190 -1.46 26.13 6.38
C ALA A 190 -0.89 25.31 7.56
N LYS A 191 -0.66 26.04 8.67
CA LYS A 191 -0.38 25.47 9.97
C LYS A 191 -1.20 24.19 10.32
N LEU A 192 -2.49 24.45 10.34
CA LEU A 192 -3.41 23.36 10.42
C LEU A 192 -3.12 22.01 9.59
N GLU A 193 -3.18 22.02 8.25
CA GLU A 193 -2.52 20.98 7.47
C GLU A 193 -1.16 20.36 8.00
N GLU A 194 -0.15 21.18 8.19
CA GLU A 194 1.15 20.65 8.66
C GLU A 194 0.89 19.75 9.82
N GLU A 195 0.24 20.32 10.86
CA GLU A 195 0.25 19.64 12.16
C GLU A 195 -0.56 18.42 11.91
N MET A 196 -1.53 18.55 11.03
CA MET A 196 -2.21 17.25 10.74
C MET A 196 -1.38 16.29 9.82
N GLY A 197 -0.55 16.83 8.97
CA GLY A 197 0.52 15.95 8.39
C GLY A 197 1.12 15.03 9.41
N ASP A 198 1.59 15.66 10.51
CA ASP A 198 2.33 14.98 11.50
C ASP A 198 1.44 14.03 12.32
N LEU A 199 0.23 14.42 12.72
CA LEU A 199 -0.61 13.42 13.26
C LEU A 199 -0.46 12.19 12.39
N LEU A 200 -0.57 12.29 11.08
CA LEU A 200 -0.59 11.07 10.31
C LEU A 200 0.64 10.34 10.37
N PHE A 201 1.73 11.07 10.53
CA PHE A 201 3.03 10.38 10.44
C PHE A 201 3.14 9.56 11.72
N ALA A 202 2.99 10.31 12.82
CA ALA A 202 2.92 9.72 14.11
C ALA A 202 2.15 8.53 13.96
N THR A 203 0.96 8.60 13.37
CA THR A 203 0.29 7.35 13.56
C THR A 203 0.82 6.15 12.77
N VAL A 204 1.62 6.37 11.72
CA VAL A 204 2.32 5.31 11.02
C VAL A 204 3.45 4.88 11.90
N ASN A 205 4.13 5.89 12.47
CA ASN A 205 5.15 5.51 13.50
C ASN A 205 4.68 4.46 14.50
N LEU A 206 3.50 4.64 15.08
CA LEU A 206 2.90 3.57 15.75
C LEU A 206 2.50 2.31 14.89
N ALA A 207 1.71 2.43 13.85
CA ALA A 207 1.21 1.19 13.32
C ALA A 207 2.36 0.24 13.19
N ARG A 208 3.50 0.84 12.89
CA ARG A 208 4.70 0.03 12.70
C ARG A 208 5.44 0.17 14.04
N HIS A 209 6.03 -0.89 14.58
CA HIS A 209 6.31 -0.65 16.03
C HIS A 209 5.30 -1.42 16.76
N LEU A 210 4.03 -1.26 16.42
CA LEU A 210 3.09 -2.37 16.61
C LEU A 210 3.23 -3.45 15.53
N GLY A 211 4.31 -3.41 14.77
CA GLY A 211 4.55 -4.48 13.82
C GLY A 211 3.42 -4.82 12.92
N THR A 212 2.57 -3.88 12.46
CA THR A 212 1.71 -3.98 11.23
C THR A 212 2.18 -3.03 10.12
N LYS A 213 1.42 -2.94 9.02
CA LYS A 213 1.87 -2.06 7.86
C LYS A 213 0.78 -0.97 7.53
N ALA A 214 1.04 0.30 7.81
CA ALA A 214 -0.16 1.17 7.87
C ALA A 214 -1.03 1.05 6.64
N GLU A 215 -0.39 1.14 5.47
CA GLU A 215 -1.17 1.37 4.26
C GLU A 215 -2.00 0.14 4.15
N ILE A 216 -1.41 -0.96 4.58
CA ILE A 216 -2.29 -2.10 4.52
C ILE A 216 -3.43 -2.10 5.54
N ALA A 217 -3.13 -1.57 6.72
CA ALA A 217 -4.12 -1.63 7.71
C ALA A 217 -5.23 -0.76 7.17
N LEU A 218 -4.98 0.43 6.43
CA LEU A 218 -6.02 1.34 5.96
C LEU A 218 -6.78 0.54 4.92
N GLN A 219 -6.07 -0.02 3.93
CA GLN A 219 -6.76 -0.77 2.91
C GLN A 219 -7.81 -1.56 3.59
N LYS A 220 -7.43 -2.49 4.47
CA LYS A 220 -8.46 -3.40 5.18
C LYS A 220 -9.66 -2.64 5.83
N ALA A 221 -9.51 -1.41 6.25
CA ALA A 221 -10.48 -0.88 7.12
C ALA A 221 -11.54 -0.40 6.25
N ASN A 222 -11.07 0.45 5.29
CA ASN A 222 -11.69 0.81 4.00
C ASN A 222 -12.47 -0.39 3.50
N GLU A 223 -11.86 -1.57 3.31
CA GLU A 223 -12.76 -2.59 2.87
C GLU A 223 -13.87 -2.94 3.78
N LYS A 224 -13.57 -3.29 5.03
CA LYS A 224 -14.63 -3.60 6.00
C LYS A 224 -15.72 -2.59 6.02
N PHE A 225 -15.39 -1.29 5.97
CA PHE A 225 -16.41 -0.24 6.04
C PHE A 225 -17.28 -0.32 4.84
N GLU A 226 -16.62 -0.47 3.71
CA GLU A 226 -17.28 -0.30 2.44
C GLU A 226 -18.26 -1.47 2.35
N ARG A 227 -17.82 -2.68 2.56
CA ARG A 227 -18.75 -3.75 2.89
C ARG A 227 -19.93 -3.33 3.71
N ARG A 228 -19.71 -2.60 4.77
CA ARG A 228 -20.70 -2.53 5.75
C ARG A 228 -21.79 -1.61 5.36
N PHE A 229 -21.43 -0.40 4.92
CA PHE A 229 -22.37 0.68 4.53
C PHE A 229 -23.25 0.05 3.45
N ARG A 230 -22.58 -0.36 2.37
CA ARG A 230 -23.15 -1.15 1.34
C ARG A 230 -24.39 -1.86 1.78
N GLU A 231 -24.21 -2.63 2.83
CA GLU A 231 -25.26 -3.48 3.35
C GLU A 231 -26.39 -2.61 3.93
N VAL A 232 -26.00 -1.70 4.85
CA VAL A 232 -26.97 -0.89 5.46
C VAL A 232 -27.84 -0.50 4.28
N GLU A 233 -27.18 -0.14 3.17
CA GLU A 233 -27.76 0.57 2.04
C GLU A 233 -28.70 -0.39 1.43
N ARG A 234 -28.21 -1.60 1.11
CA ARG A 234 -29.20 -2.62 0.67
C ARG A 234 -30.29 -2.93 1.73
N ILE A 235 -29.96 -2.96 3.04
CA ILE A 235 -30.99 -2.85 4.03
C ILE A 235 -31.88 -1.64 3.76
N VAL A 236 -31.37 -0.43 3.63
CA VAL A 236 -32.33 0.69 3.57
C VAL A 236 -33.29 0.78 2.37
N ALA A 237 -33.07 -0.09 1.39
CA ALA A 237 -33.75 -0.06 0.11
C ALA A 237 -34.89 -1.08 0.18
N ALA A 238 -34.56 -2.39 0.18
CA ALA A 238 -35.41 -3.39 0.80
C ALA A 238 -36.50 -2.65 1.63
N ARG A 239 -36.03 -1.83 2.61
CA ARG A 239 -36.84 -0.99 3.54
C ARG A 239 -37.88 -0.23 2.76
N GLY A 240 -38.82 -0.99 2.20
CA GLY A 240 -39.88 -0.38 1.43
C GLY A 240 -39.40 0.51 0.29
N LEU A 241 -39.06 1.86 0.61
CA LEU A 241 -39.45 2.82 -0.42
C LEU A 241 -38.88 4.21 -0.15
N GLU A 242 -39.27 4.79 0.93
CA GLU A 242 -39.16 6.22 1.25
C GLU A 242 -38.04 6.98 0.45
N MET A 243 -38.55 7.87 -0.37
CA MET A 243 -39.98 8.09 -0.28
C MET A 243 -40.20 8.65 1.14
N THR A 244 -40.58 7.79 2.08
CA THR A 244 -40.91 8.22 3.44
C THR A 244 -39.78 8.09 4.44
N ASP A 247 -35.06 7.93 9.27
CA ASP A 247 -33.65 8.16 9.55
C ASP A 247 -33.46 9.37 10.46
N LEU A 248 -32.17 9.60 10.91
CA LEU A 248 -31.13 8.79 10.42
C LEU A 248 -30.68 7.71 11.37
N GLU A 249 -31.54 7.16 12.23
CA GLU A 249 -31.03 6.06 13.11
C GLU A 249 -31.92 4.85 13.62
N THR A 250 -32.49 3.99 12.73
CA THR A 250 -32.22 3.84 11.28
C THR A 250 -30.78 4.25 10.90
N MET A 251 -30.50 5.23 10.02
CA MET A 251 -29.10 5.45 9.53
C MET A 251 -28.03 4.89 10.49
N GLU A 252 -27.75 5.61 11.59
CA GLU A 252 -26.71 5.22 12.61
C GLU A 252 -26.97 3.95 13.38
N GLU A 253 -28.25 3.61 13.50
CA GLU A 253 -28.67 2.36 14.09
C GLU A 253 -28.50 1.10 13.23
N VAL A 254 -29.10 1.06 12.04
CA VAL A 254 -28.93 -0.12 11.18
C VAL A 254 -27.42 -0.42 11.08
N TRP A 255 -26.63 0.65 10.93
CA TRP A 255 -25.13 0.58 10.95
C TRP A 255 -24.57 -0.29 12.07
N GLN A 256 -25.12 -0.13 13.28
CA GLN A 256 -24.61 -0.83 14.46
C GLN A 256 -25.22 -2.18 14.46
N GLN A 257 -26.48 -2.24 14.00
CA GLN A 257 -27.20 -3.51 13.84
C GLN A 257 -26.63 -4.30 12.68
N VAL A 258 -25.60 -3.79 12.05
CA VAL A 258 -24.98 -4.57 10.97
C VAL A 258 -23.67 -5.13 11.53
N ALA A 259 -23.01 -4.24 12.28
CA ALA A 259 -21.83 -4.41 13.16
C ALA A 259 -21.90 -5.69 13.91
N ARG A 260 -23.06 -5.97 14.42
CA ARG A 260 -23.23 -7.23 15.03
C ARG A 260 -23.54 -8.35 13.97
N GLN A 261 -24.71 -8.34 13.35
CA GLN A 261 -25.04 -9.20 12.17
C GLN A 261 -23.80 -9.97 11.53
N GLU A 262 -22.70 -9.25 11.27
CA GLU A 262 -21.45 -9.88 10.82
C GLU A 262 -20.47 -10.13 12.01
N ASN B 4 15.41 -20.15 -20.43
CA ASN B 4 15.14 -21.48 -19.83
C ASN B 4 15.46 -21.74 -18.36
N GLN B 5 14.90 -20.82 -17.58
CA GLN B 5 15.49 -20.06 -16.50
C GLN B 5 14.27 -19.90 -15.65
N ILE B 6 13.29 -19.32 -16.34
CA ILE B 6 11.92 -19.74 -16.42
C ILE B 6 11.76 -21.04 -15.73
N ASP B 7 12.72 -21.93 -15.91
CA ASP B 7 12.74 -23.20 -15.13
C ASP B 7 13.72 -23.27 -13.92
N ARG B 8 14.98 -22.87 -14.09
CA ARG B 8 15.80 -22.87 -12.93
C ARG B 8 14.77 -22.35 -11.96
N LEU B 9 13.98 -21.33 -12.36
CA LEU B 9 13.09 -20.52 -11.47
C LEU B 9 11.81 -21.14 -10.76
N LEU B 10 10.96 -21.79 -11.55
CA LEU B 10 10.05 -22.78 -11.02
C LEU B 10 10.82 -23.64 -10.03
N THR B 11 11.71 -24.56 -10.48
CA THR B 11 12.56 -25.42 -9.57
C THR B 11 13.34 -24.61 -8.51
N ILE B 12 13.01 -23.35 -8.34
CA ILE B 12 13.67 -22.64 -7.31
C ILE B 12 12.59 -22.28 -6.33
N MET B 13 11.35 -22.09 -6.83
CA MET B 13 10.26 -21.73 -5.93
C MET B 13 9.71 -22.96 -5.32
N GLN B 14 9.65 -24.04 -6.09
CA GLN B 14 9.60 -25.28 -5.37
C GLN B 14 11.03 -25.25 -4.89
N ARG B 15 11.18 -25.54 -3.60
CA ARG B 15 12.45 -25.62 -2.93
C ARG B 15 12.86 -24.46 -2.00
N LEU B 16 12.49 -23.17 -2.20
CA LEU B 16 13.18 -22.22 -1.24
C LEU B 16 12.80 -22.45 0.23
N TRP B 25 11.72 -18.27 6.68
CA TRP B 25 11.28 -17.07 6.00
C TRP B 25 10.34 -17.31 4.81
N ASP B 26 10.34 -18.43 4.08
CA ASP B 26 11.17 -19.68 4.21
C ASP B 26 11.25 -20.29 5.62
N LYS B 27 10.12 -20.30 6.33
CA LYS B 27 8.74 -19.91 5.94
C LYS B 27 8.10 -20.09 4.49
N GLU B 28 7.22 -21.10 4.43
CA GLU B 28 5.89 -20.75 3.97
C GLU B 28 5.29 -19.62 4.99
N GLN B 29 4.42 -18.78 4.43
CA GLN B 29 3.90 -17.51 4.97
C GLN B 29 3.59 -16.63 3.74
N THR B 30 2.40 -16.03 3.55
CA THR B 30 1.12 -16.71 3.44
C THR B 30 0.65 -16.31 2.04
N PHE B 31 0.38 -15.03 1.83
CA PHE B 31 -0.61 -14.68 0.87
C PHE B 31 -1.19 -13.43 1.44
N ALA B 32 -0.31 -12.50 1.79
CA ALA B 32 -0.45 -11.63 3.00
C ALA B 32 0.20 -12.63 3.93
N THR B 33 1.39 -12.36 4.43
CA THR B 33 2.09 -11.11 4.33
C THR B 33 2.55 -10.83 2.87
N ILE B 34 2.24 -11.76 1.97
CA ILE B 34 2.83 -11.69 0.61
C ILE B 34 2.55 -10.43 -0.18
N ALA B 35 1.21 -10.18 -0.36
CA ALA B 35 0.59 -8.92 -0.74
C ALA B 35 1.55 -7.69 -0.65
N PRO B 36 1.74 -7.09 0.50
CA PRO B 36 2.31 -5.79 0.46
C PRO B 36 3.75 -5.81 -0.01
N TYR B 37 4.14 -6.91 -0.59
CA TYR B 37 5.48 -7.00 -1.14
C TYR B 37 5.29 -6.80 -2.55
N THR B 38 4.39 -7.52 -3.15
CA THR B 38 3.89 -7.14 -4.48
C THR B 38 3.59 -5.68 -4.66
N LEU B 39 3.04 -5.10 -3.65
CA LEU B 39 2.49 -3.82 -3.89
C LEU B 39 3.62 -2.83 -4.07
N GLU B 40 4.68 -3.08 -3.35
CA GLU B 40 5.62 -1.99 -3.31
C GLU B 40 6.52 -2.27 -4.50
N GLU B 41 6.48 -3.54 -4.92
CA GLU B 41 7.20 -3.98 -6.07
C GLU B 41 6.67 -3.36 -7.38
N THR B 42 5.39 -3.53 -7.64
CA THR B 42 4.78 -2.86 -8.70
C THR B 42 5.15 -1.42 -8.55
N TYR B 43 5.23 -0.93 -7.33
CA TYR B 43 5.61 0.48 -7.27
C TYR B 43 6.97 0.86 -7.75
N GLU B 44 7.99 0.07 -7.43
CA GLU B 44 9.25 0.28 -8.08
C GLU B 44 9.18 0.14 -9.65
N VAL B 45 8.41 -0.87 -10.14
CA VAL B 45 8.42 -1.02 -11.56
C VAL B 45 8.01 0.35 -12.07
N LEU B 46 7.11 1.01 -11.38
CA LEU B 46 6.52 2.06 -12.12
C LEU B 46 7.58 3.08 -11.92
N ASP B 47 8.17 3.10 -10.73
CA ASP B 47 9.18 4.17 -10.55
C ASP B 47 10.25 4.24 -11.66
N ALA B 48 10.75 3.05 -12.02
CA ALA B 48 11.83 2.85 -12.93
C ALA B 48 11.43 3.39 -14.34
N ILE B 49 10.23 3.04 -14.81
CA ILE B 49 9.78 3.49 -16.10
C ILE B 49 9.75 5.01 -16.15
N ALA B 50 9.53 5.69 -15.04
CA ALA B 50 9.35 7.13 -15.04
C ALA B 50 10.72 7.65 -14.97
N ARG B 51 11.65 6.94 -14.38
CA ARG B 51 12.97 7.48 -14.38
C ARG B 51 13.62 7.07 -15.69
N GLU B 52 12.82 6.39 -16.50
CA GLU B 52 13.34 5.63 -17.62
C GLU B 52 14.53 4.79 -17.14
N ASP B 53 14.56 4.45 -15.85
CA ASP B 53 15.78 3.87 -15.47
C ASP B 53 15.82 2.43 -15.89
N PHE B 54 16.53 2.09 -16.96
CA PHE B 54 16.30 0.81 -17.59
C PHE B 54 17.05 -0.42 -17.11
N ASP B 55 18.20 -0.23 -16.47
CA ASP B 55 18.95 -1.40 -15.86
C ASP B 55 18.13 -1.91 -14.65
N ASP B 56 17.61 -0.97 -13.88
CA ASP B 56 16.63 -1.28 -12.87
C ASP B 56 15.51 -1.95 -13.48
N LEU B 57 15.03 -1.42 -14.56
CA LEU B 57 13.80 -2.04 -14.85
C LEU B 57 13.92 -3.64 -14.84
N ARG B 58 15.13 -4.12 -15.11
CA ARG B 58 15.39 -5.54 -15.26
C ARG B 58 15.43 -6.25 -13.92
N GLY B 59 15.78 -5.52 -12.91
CA GLY B 59 15.70 -6.20 -11.62
C GLY B 59 14.29 -6.20 -11.01
N GLU B 60 13.69 -5.01 -11.10
CA GLU B 60 12.40 -4.63 -10.64
C GLU B 60 11.33 -5.47 -11.26
N LEU B 61 11.67 -6.21 -12.29
CA LEU B 61 10.71 -7.07 -12.87
C LEU B 61 11.12 -8.52 -12.62
N GLY B 62 12.40 -8.76 -12.35
CA GLY B 62 12.77 -10.06 -11.75
C GLY B 62 11.79 -10.17 -10.60
N ASP B 63 11.75 -9.08 -9.83
CA ASP B 63 11.04 -8.96 -8.55
C ASP B 63 9.57 -9.13 -8.74
N LEU B 64 8.87 -8.13 -9.20
CA LEU B 64 7.58 -8.44 -9.66
C LEU B 64 7.48 -9.91 -10.08
N LEU B 65 8.22 -10.36 -11.10
CA LEU B 65 8.03 -11.78 -11.47
C LEU B 65 8.33 -12.78 -10.31
N PHE B 66 9.22 -12.42 -9.41
CA PHE B 66 9.46 -13.35 -8.34
C PHE B 66 8.14 -13.72 -7.64
N GLN B 67 7.48 -12.72 -7.02
CA GLN B 67 6.19 -12.93 -6.40
C GLN B 67 5.42 -14.04 -7.09
N VAL B 68 4.67 -13.62 -8.13
CA VAL B 68 3.87 -14.48 -9.01
C VAL B 68 4.27 -15.93 -9.11
N VAL B 69 5.56 -16.22 -9.10
CA VAL B 69 5.94 -17.63 -8.87
C VAL B 69 5.50 -18.19 -7.48
N PHE B 70 5.61 -17.44 -6.39
CA PHE B 70 4.81 -17.79 -5.15
C PHE B 70 3.34 -18.22 -5.30
N TYR B 71 2.58 -17.35 -5.93
CA TYR B 71 1.17 -17.58 -6.19
C TYR B 71 0.90 -18.82 -7.13
N ALA B 72 1.82 -18.94 -8.09
CA ALA B 72 2.06 -20.16 -8.79
C ALA B 72 2.34 -21.31 -7.79
N GLN B 73 3.24 -21.01 -6.84
CA GLN B 73 3.67 -21.93 -5.84
C GLN B 73 2.50 -22.43 -5.04
N MET B 74 1.93 -21.51 -4.27
CA MET B 74 1.05 -21.80 -3.15
C MET B 74 -0.22 -22.28 -3.73
N ALA B 75 -0.68 -21.59 -4.75
CA ALA B 75 -1.75 -22.10 -5.61
C ALA B 75 -1.49 -23.55 -6.00
N GLN B 76 -0.47 -23.91 -6.77
CA GLN B 76 -0.21 -25.31 -7.10
C GLN B 76 -0.56 -26.22 -5.93
N GLU B 77 -0.01 -25.98 -4.68
CA GLU B 77 -0.22 -26.70 -3.38
C GLU B 77 -1.69 -26.93 -2.96
N GLU B 78 -2.60 -26.43 -3.78
CA GLU B 78 -4.02 -26.56 -3.59
C GLU B 78 -4.64 -26.87 -5.00
N GLY B 79 -5.86 -27.43 -5.04
CA GLY B 79 -6.65 -27.78 -6.30
C GLY B 79 -6.69 -26.80 -7.50
N ARG B 80 -5.87 -25.77 -7.38
CA ARG B 80 -6.02 -24.54 -8.11
C ARG B 80 -5.08 -24.49 -9.40
N PHE B 81 -4.10 -25.39 -9.41
CA PHE B 81 -3.50 -26.08 -10.63
C PHE B 81 -2.10 -25.55 -11.18
N ASP B 82 -1.54 -24.57 -10.51
CA ASP B 82 -0.12 -24.27 -10.80
C ASP B 82 0.29 -23.46 -12.05
N PHE B 83 1.47 -22.80 -11.88
CA PHE B 83 2.08 -21.92 -12.86
C PHE B 83 1.77 -22.20 -14.32
N ASN B 84 2.06 -23.37 -14.91
CA ASN B 84 1.72 -23.34 -16.34
C ASN B 84 0.25 -22.98 -16.60
N ASP B 85 -0.58 -23.38 -15.68
CA ASP B 85 -1.99 -23.05 -15.66
C ASP B 85 -2.29 -21.59 -15.60
N ILE B 86 -1.73 -20.93 -14.59
CA ILE B 86 -1.65 -19.49 -14.64
C ILE B 86 -1.59 -19.11 -16.15
N CYS B 87 -0.40 -19.29 -16.75
CA CYS B 87 -0.12 -18.93 -18.16
C CYS B 87 -0.91 -19.74 -19.11
N ALA B 88 -1.93 -20.39 -18.56
CA ALA B 88 -2.99 -21.03 -19.33
C ALA B 88 -4.09 -19.99 -19.64
N ALA B 89 -4.90 -19.65 -18.62
CA ALA B 89 -6.00 -18.66 -18.71
C ALA B 89 -5.73 -17.52 -19.69
N ILE B 90 -4.79 -16.69 -19.23
CA ILE B 90 -4.23 -15.53 -19.91
C ILE B 90 -3.91 -15.83 -21.40
N SER B 91 -3.39 -17.03 -21.63
CA SER B 91 -3.14 -17.50 -22.98
C SER B 91 -4.48 -17.46 -23.75
N ASP B 92 -5.19 -18.60 -23.73
CA ASP B 92 -6.64 -18.78 -24.05
C ASP B 92 -7.57 -17.52 -24.15
N LYS B 93 -7.30 -16.45 -23.38
CA LYS B 93 -8.00 -15.15 -23.57
C LYS B 93 -7.48 -14.32 -24.73
N LEU B 94 -6.16 -14.39 -25.02
CA LEU B 94 -5.56 -13.42 -25.97
C LEU B 94 -5.74 -13.74 -27.51
N GLU B 95 -5.73 -15.07 -27.79
CA GLU B 95 -6.15 -15.74 -29.03
C GLU B 95 -7.63 -15.54 -29.24
N ARG B 96 -8.34 -15.31 -28.12
CA ARG B 96 -9.80 -15.11 -28.09
C ARG B 96 -10.21 -13.70 -27.64
N ALA B 129 -25.01 -6.32 -9.08
CA ALA B 129 -24.77 -5.71 -7.80
C ALA B 129 -25.84 -4.70 -7.50
N GLN B 130 -25.93 -4.22 -6.27
CA GLN B 130 -26.95 -3.24 -5.99
C GLN B 130 -26.49 -1.82 -6.30
N HIS B 131 -27.39 -0.86 -6.23
CA HIS B 131 -27.28 0.34 -5.42
C HIS B 131 -25.88 0.76 -5.21
N SER B 132 -25.61 2.04 -5.12
CA SER B 132 -24.56 2.44 -4.22
C SER B 132 -23.85 3.70 -4.41
N ALA B 133 -23.56 4.31 -3.28
CA ALA B 133 -22.91 5.61 -3.17
C ALA B 133 -21.39 5.38 -3.24
N LEU B 134 -20.99 4.16 -3.15
CA LEU B 134 -19.61 3.99 -3.14
C LEU B 134 -19.04 3.68 -4.56
N ASP B 135 -19.88 3.79 -5.60
CA ASP B 135 -19.43 3.32 -6.87
C ASP B 135 -18.32 4.16 -7.48
N ASP B 136 -17.44 3.51 -8.23
CA ASP B 136 -16.36 4.14 -9.01
C ASP B 136 -15.44 4.92 -8.16
N ILE B 137 -14.91 4.14 -7.21
CA ILE B 137 -13.71 4.57 -6.43
C ILE B 137 -12.50 3.67 -6.77
N PRO B 138 -11.60 4.12 -7.64
CA PRO B 138 -10.87 2.98 -8.19
C PRO B 138 -10.20 2.27 -7.03
N ARG B 139 -9.92 0.97 -7.27
CA ARG B 139 -9.34 0.27 -6.19
C ARG B 139 -7.96 0.86 -6.09
N SER B 140 -7.41 1.19 -7.24
CA SER B 140 -6.02 1.58 -7.29
C SER B 140 -5.63 2.73 -6.35
N LEU B 141 -6.55 3.39 -5.70
CA LEU B 141 -6.21 4.68 -5.07
C LEU B 141 -5.46 4.60 -3.80
N PRO B 142 -4.61 5.55 -3.55
CA PRO B 142 -4.00 5.19 -2.29
C PRO B 142 -4.87 5.42 -1.04
N ALA B 143 -4.42 4.64 -0.08
CA ALA B 143 -5.13 4.28 1.19
C ALA B 143 -5.85 5.47 1.82
N LEU B 144 -5.10 6.54 2.03
CA LEU B 144 -5.69 7.53 2.74
C LEU B 144 -6.79 8.14 2.03
N MET B 145 -6.53 8.40 0.73
CA MET B 145 -7.34 9.16 -0.22
C MET B 145 -8.44 8.30 -0.53
N ARG B 146 -8.25 7.05 -0.82
CA ARG B 146 -9.48 6.26 -0.87
C ARG B 146 -10.42 6.14 0.39
N ALA B 147 -9.85 6.09 1.62
CA ALA B 147 -10.60 6.39 2.77
C ALA B 147 -11.40 7.80 2.68
N GLN B 148 -10.74 8.92 2.43
CA GLN B 148 -11.43 10.28 2.51
C GLN B 148 -12.58 10.31 1.52
N LYS B 149 -12.35 9.61 0.41
CA LYS B 149 -13.18 9.69 -0.75
C LYS B 149 -14.52 9.11 -0.38
N ILE B 150 -14.53 7.80 -0.01
CA ILE B 150 -15.63 7.08 0.79
C ILE B 150 -16.42 7.95 1.86
N GLN B 151 -15.66 8.74 2.60
CA GLN B 151 -16.30 9.35 3.73
C GLN B 151 -17.11 10.44 3.20
N LYS B 152 -16.57 11.16 2.16
CA LYS B 152 -17.27 12.20 1.37
C LYS B 152 -18.55 11.62 0.84
N ARG B 153 -18.45 10.48 0.18
CA ARG B 153 -19.68 9.84 -0.35
C ARG B 153 -20.68 9.82 0.79
N CYS B 154 -20.30 9.23 1.93
CA CYS B 154 -21.30 9.06 3.01
C CYS B 154 -21.78 10.42 3.43
N ALA B 155 -20.88 11.37 3.42
CA ALA B 155 -21.33 12.65 3.84
C ALA B 155 -22.45 13.10 2.95
N ASN B 156 -22.22 13.17 1.61
CA ASN B 156 -23.23 13.64 0.72
C ASN B 156 -24.57 12.99 1.06
N VAL B 157 -24.57 11.67 1.12
CA VAL B 157 -25.82 10.91 1.27
C VAL B 157 -26.42 11.17 2.66
N GLY B 158 -26.04 12.27 3.32
CA GLY B 158 -26.54 12.43 4.71
C GLY B 158 -25.93 11.53 5.82
N PHE B 159 -24.87 10.77 5.63
CA PHE B 159 -24.41 9.99 6.75
C PHE B 159 -22.99 10.33 7.40
N ASP B 160 -22.91 11.47 8.11
CA ASP B 160 -21.69 11.98 8.75
C ASP B 160 -21.86 12.41 10.26
N TRP B 161 -20.80 12.44 11.04
CA TRP B 161 -20.87 13.29 12.20
C TRP B 161 -21.14 14.68 11.79
N THR B 162 -21.72 15.45 12.67
CA THR B 162 -22.23 16.69 12.25
C THR B 162 -21.69 17.74 13.14
N THR B 163 -20.81 17.32 14.01
CA THR B 163 -19.97 18.23 14.67
C THR B 163 -18.62 17.64 14.79
N LEU B 164 -17.67 18.50 15.10
CA LEU B 164 -16.29 18.17 15.41
C LEU B 164 -16.07 17.18 16.54
N GLY B 165 -16.75 17.37 17.68
CA GLY B 165 -16.40 16.68 18.94
C GLY B 165 -16.27 15.17 18.83
N PRO B 166 -17.28 14.46 18.32
CA PRO B 166 -17.22 13.01 18.18
C PRO B 166 -16.43 12.59 17.02
N VAL B 167 -15.96 13.57 16.25
CA VAL B 167 -15.00 13.16 15.31
C VAL B 167 -13.74 12.86 16.07
N VAL B 168 -13.42 13.78 16.96
CA VAL B 168 -12.18 13.71 17.74
C VAL B 168 -12.31 12.62 18.72
N ASP B 169 -13.50 12.58 19.30
CA ASP B 169 -13.69 11.62 20.38
C ASP B 169 -13.13 10.30 19.87
N LYS B 170 -13.30 10.21 18.62
CA LYS B 170 -13.23 8.90 18.19
C LYS B 170 -11.81 8.38 17.82
N VAL B 171 -10.96 9.30 17.38
CA VAL B 171 -9.58 8.94 17.10
C VAL B 171 -9.12 8.24 18.36
N TYR B 172 -9.17 9.00 19.47
CA TYR B 172 -9.14 8.39 20.82
C TYR B 172 -9.76 7.04 21.03
N GLU B 173 -11.10 6.88 20.80
CA GLU B 173 -11.69 5.58 21.17
C GLU B 173 -10.92 4.47 20.53
N GLU B 174 -10.16 4.82 19.50
CA GLU B 174 -9.72 3.83 18.52
C GLU B 174 -8.32 3.59 18.83
N ILE B 175 -7.73 4.68 19.29
CA ILE B 175 -6.42 4.44 19.84
C ILE B 175 -6.56 3.51 21.09
N ASP B 176 -7.55 3.77 21.94
CA ASP B 176 -7.88 2.82 22.90
C ASP B 176 -7.92 1.39 22.36
N GLU B 177 -8.81 1.11 21.44
CA GLU B 177 -8.92 -0.30 20.99
C GLU B 177 -7.63 -0.89 20.38
N VAL B 178 -6.75 -0.02 19.92
CA VAL B 178 -5.51 -0.50 19.38
C VAL B 178 -4.60 -0.92 20.50
N MET B 179 -4.22 0.00 21.40
CA MET B 179 -3.33 -0.32 22.55
C MET B 179 -3.85 -1.48 23.42
N TYR B 180 -5.18 -1.41 23.63
CA TYR B 180 -5.90 -2.54 24.23
C TYR B 180 -5.44 -3.80 23.61
N GLU B 181 -5.48 -3.86 22.30
CA GLU B 181 -5.08 -5.12 21.69
C GLU B 181 -3.68 -5.48 21.91
N ALA B 182 -2.81 -4.48 22.09
CA ALA B 182 -1.40 -4.63 21.76
C ALA B 182 -0.72 -5.29 22.88
N ARG B 183 -1.28 -4.99 24.07
CA ARG B 183 -0.86 -5.53 25.41
C ARG B 183 -1.57 -6.84 25.98
N GLN B 184 -2.62 -7.38 25.33
CA GLN B 184 -2.84 -8.84 25.46
C GLN B 184 -1.53 -9.57 25.56
N ALA B 185 -1.57 -10.67 26.34
CA ALA B 185 -0.48 -11.48 26.83
C ALA B 185 -0.23 -12.34 25.68
N VAL B 186 -1.30 -12.77 25.01
CA VAL B 186 -1.02 -13.09 23.60
C VAL B 186 -1.84 -12.30 22.59
N VAL B 187 -1.16 -11.32 21.98
CA VAL B 187 -1.64 -10.53 20.81
C VAL B 187 -2.41 -11.33 19.78
N ASP B 188 -3.51 -10.77 19.26
CA ASP B 188 -4.18 -11.34 18.12
C ASP B 188 -3.85 -10.51 16.85
N GLN B 189 -2.86 -11.00 16.11
CA GLN B 189 -2.27 -10.18 15.11
C GLN B 189 -3.30 -9.41 14.25
N ALA B 190 -4.22 -10.16 13.54
CA ALA B 190 -5.47 -9.64 12.93
C ALA B 190 -6.14 -8.49 13.69
N LYS B 191 -6.86 -8.77 14.77
CA LYS B 191 -7.44 -7.67 15.56
C LYS B 191 -6.56 -6.45 15.82
N LEU B 192 -5.23 -6.62 16.00
CA LEU B 192 -4.35 -5.43 16.05
C LEU B 192 -4.46 -4.60 14.76
N GLU B 193 -4.25 -5.32 13.64
CA GLU B 193 -4.18 -4.72 12.33
C GLU B 193 -5.54 -4.18 12.14
N GLU B 194 -6.55 -4.96 12.45
CA GLU B 194 -7.88 -4.42 12.30
C GLU B 194 -7.98 -3.04 12.98
N GLU B 195 -7.74 -3.04 14.27
CA GLU B 195 -7.77 -1.80 15.05
C GLU B 195 -6.90 -0.66 14.50
N MET B 196 -5.65 -1.01 14.08
CA MET B 196 -4.77 -0.04 13.39
C MET B 196 -5.49 0.53 12.22
N GLY B 197 -6.09 -0.33 11.39
CA GLY B 197 -7.18 0.19 10.51
C GLY B 197 -7.98 1.30 11.17
N ASP B 198 -8.98 0.86 11.94
CA ASP B 198 -10.11 1.71 12.28
C ASP B 198 -9.51 3.03 12.70
N LEU B 199 -8.35 2.96 13.31
CA LEU B 199 -7.74 4.22 13.70
C LEU B 199 -7.41 5.09 12.52
N LEU B 200 -6.81 4.53 11.45
CA LEU B 200 -6.60 5.41 10.26
C LEU B 200 -7.90 5.84 9.61
N PHE B 201 -8.74 4.96 9.22
CA PHE B 201 -9.98 5.52 8.83
C PHE B 201 -10.55 6.61 9.82
N ALA B 202 -10.22 6.48 11.11
CA ALA B 202 -10.77 7.39 12.09
C ALA B 202 -10.20 8.77 11.91
N THR B 203 -8.99 8.81 11.50
CA THR B 203 -8.27 10.05 11.67
C THR B 203 -8.32 10.84 10.39
N VAL B 204 -8.34 10.13 9.31
CA VAL B 204 -8.85 10.73 8.17
C VAL B 204 -10.19 11.37 8.45
N ASN B 205 -11.01 10.76 9.19
CA ASN B 205 -12.18 11.30 9.03
C ASN B 205 -12.05 12.68 9.68
N LEU B 206 -11.01 12.59 10.57
CA LEU B 206 -10.82 13.88 11.17
C LEU B 206 -10.15 14.92 10.01
N ALA B 207 -8.94 14.58 9.37
CA ALA B 207 -8.50 15.28 8.30
C ALA B 207 -9.79 15.86 7.63
N ARG B 208 -10.89 15.08 7.21
CA ARG B 208 -12.00 15.75 6.40
C ARG B 208 -12.49 16.80 7.35
N HIS B 209 -13.05 16.51 8.53
CA HIS B 209 -13.71 17.66 9.23
C HIS B 209 -12.83 18.80 9.43
N LEU B 210 -11.53 18.69 9.39
CA LEU B 210 -10.82 19.88 9.56
C LEU B 210 -10.69 20.62 8.18
N GLY B 211 -11.11 19.95 7.11
CA GLY B 211 -10.84 20.44 5.79
C GLY B 211 -9.38 20.35 5.40
N THR B 212 -8.80 19.17 5.40
CA THR B 212 -7.44 19.06 4.88
C THR B 212 -7.44 17.78 4.12
N LYS B 213 -6.47 17.48 3.27
CA LYS B 213 -6.59 16.25 2.53
C LYS B 213 -5.44 15.40 3.10
N ALA B 214 -5.86 14.18 3.52
CA ALA B 214 -5.09 13.39 4.42
C ALA B 214 -3.91 12.93 3.62
N GLU B 215 -4.14 12.34 2.41
CA GLU B 215 -2.99 11.81 1.61
C GLU B 215 -1.88 12.93 1.36
N ILE B 216 -2.29 14.12 1.01
CA ILE B 216 -1.27 15.23 1.06
C ILE B 216 -0.45 15.56 2.37
N ALA B 217 -1.14 16.18 3.39
CA ALA B 217 -0.70 16.22 4.71
C ALA B 217 0.35 15.21 4.98
N LEU B 218 0.23 13.99 4.78
CA LEU B 218 1.15 13.13 5.20
C LEU B 218 2.25 13.11 4.27
N GLN B 219 2.03 13.55 3.05
CA GLN B 219 3.03 13.64 1.94
C GLN B 219 3.91 14.60 2.38
N LYS B 220 3.27 15.73 2.85
CA LYS B 220 4.14 16.84 3.15
C LYS B 220 4.81 16.44 4.54
N ALA B 221 4.54 15.37 5.19
CA ALA B 221 5.09 15.15 6.56
C ALA B 221 6.38 14.47 6.22
N ASN B 222 6.36 13.55 5.18
CA ASN B 222 7.61 12.89 4.58
C ASN B 222 8.41 13.94 3.87
N GLU B 223 7.77 15.06 3.44
CA GLU B 223 8.59 16.21 2.98
C GLU B 223 9.34 16.85 4.14
N LYS B 224 8.65 17.34 5.19
CA LYS B 224 9.33 18.02 6.34
C LYS B 224 10.30 16.99 6.99
N PHE B 225 9.84 15.74 7.13
CA PHE B 225 10.64 14.71 7.71
C PHE B 225 11.82 14.43 6.87
N GLU B 226 11.64 13.85 5.71
CA GLU B 226 12.76 13.77 4.78
C GLU B 226 13.68 15.03 4.85
N ARG B 227 13.10 16.23 4.91
CA ARG B 227 14.02 17.40 4.94
C ARG B 227 14.97 17.30 6.12
N ARG B 228 14.47 17.51 7.34
CA ARG B 228 15.26 17.53 8.60
C ARG B 228 16.23 16.36 8.67
N PHE B 229 15.69 15.20 8.41
CA PHE B 229 16.54 14.14 8.60
C PHE B 229 17.83 14.26 7.80
N ARG B 230 17.78 14.70 6.54
CA ARG B 230 19.06 14.79 5.77
C ARG B 230 19.89 15.99 6.23
N GLU B 231 19.20 17.05 6.71
CA GLU B 231 19.92 18.13 7.32
C GLU B 231 20.95 17.45 8.25
N VAL B 232 20.36 16.61 9.14
CA VAL B 232 20.96 15.72 10.18
C VAL B 232 21.90 14.72 9.64
N GLU B 233 21.69 14.03 8.53
CA GLU B 233 22.75 13.08 8.14
C GLU B 233 24.09 13.87 7.90
N ARG B 234 23.87 15.10 7.38
CA ARG B 234 24.90 15.96 6.82
C ARG B 234 25.76 16.66 7.87
N ILE B 235 25.17 17.04 9.00
CA ILE B 235 25.98 17.59 10.06
C ILE B 235 26.66 16.52 10.92
N VAL B 236 26.13 15.29 10.89
CA VAL B 236 27.00 14.16 11.15
C VAL B 236 28.15 14.36 10.21
N ALA B 237 27.95 14.17 8.91
CA ALA B 237 29.18 13.84 8.23
C ALA B 237 30.17 15.02 8.30
N ALA B 238 29.62 16.22 8.47
CA ALA B 238 30.47 17.31 8.71
C ALA B 238 31.46 16.94 9.91
N ARG B 239 31.04 16.12 10.86
CA ARG B 239 31.94 15.96 11.96
C ARG B 239 32.86 14.89 11.52
N GLY B 240 32.50 14.14 10.50
CA GLY B 240 33.45 13.18 10.11
C GLY B 240 32.95 11.87 10.62
N LEU B 241 32.56 11.80 11.89
CA LEU B 241 31.78 10.71 12.39
C LEU B 241 30.76 10.32 11.39
N GLU B 242 30.37 9.07 11.60
CA GLU B 242 29.32 8.26 10.88
C GLU B 242 27.81 8.36 11.38
N MET B 243 26.89 7.69 10.72
CA MET B 243 25.53 7.82 11.20
C MET B 243 25.21 6.61 11.97
N THR B 244 25.93 5.51 11.66
CA THR B 244 26.09 4.43 12.62
C THR B 244 27.25 4.76 13.58
N GLY B 245 27.91 5.91 13.41
CA GLY B 245 28.82 6.40 14.45
C GLY B 245 27.99 7.27 15.39
N VAL B 246 26.70 6.97 15.51
CA VAL B 246 26.11 7.49 16.71
C VAL B 246 25.06 6.70 17.47
N ASP B 247 25.28 6.80 18.76
CA ASP B 247 24.34 6.99 19.80
C ASP B 247 23.12 7.71 19.28
N LEU B 248 21.99 7.44 19.91
CA LEU B 248 20.75 8.12 19.59
C LEU B 248 20.66 9.42 20.27
N GLU B 249 21.47 9.67 21.32
CA GLU B 249 21.36 10.94 22.03
C GLU B 249 21.79 12.01 21.07
N THR B 250 22.84 11.74 20.24
CA THR B 250 23.49 12.74 19.38
C THR B 250 22.59 13.08 18.21
N MET B 251 22.04 12.04 17.58
CA MET B 251 20.95 12.17 16.66
C MET B 251 19.82 12.96 17.25
N GLU B 252 19.22 12.53 18.35
CA GLU B 252 18.18 13.35 18.85
C GLU B 252 18.63 14.76 19.19
N GLU B 253 19.90 15.08 19.26
CA GLU B 253 20.08 16.41 19.80
C GLU B 253 20.46 17.45 18.78
N VAL B 254 21.17 16.98 17.76
CA VAL B 254 21.24 17.56 16.43
C VAL B 254 19.86 17.80 15.76
N TRP B 255 19.04 16.76 15.57
CA TRP B 255 17.65 16.90 15.14
C TRP B 255 17.01 17.99 15.91
N GLN B 256 17.39 18.18 17.16
CA GLN B 256 16.81 19.30 17.87
C GLN B 256 17.42 20.60 17.42
N GLN B 257 18.77 20.69 17.44
CA GLN B 257 19.52 21.84 16.80
C GLN B 257 18.77 22.33 15.53
N VAL B 258 18.76 21.44 14.51
CA VAL B 258 17.99 21.49 13.24
C VAL B 258 16.60 22.16 13.34
N ALA B 259 15.63 21.58 14.03
CA ALA B 259 14.29 22.21 13.93
C ALA B 259 14.09 23.59 14.62
N ARG B 260 14.89 23.88 15.64
CA ARG B 260 14.94 25.26 16.15
C ARG B 260 16.09 25.93 15.42
N GLN B 261 16.03 25.82 14.09
CA GLN B 261 16.96 26.52 13.21
C GLN B 261 16.13 27.12 12.06
N GLU B 262 14.81 27.17 12.26
CA GLU B 262 13.93 27.99 11.41
C GLU B 262 13.38 29.30 12.09
N ILE B 263 14.04 29.64 13.20
CA ILE B 263 13.85 30.92 13.89
C ILE B 263 15.16 31.37 14.60
MG MG C . -12.12 -0.29 16.14
PG ATP D . -14.60 -2.94 16.54
O1G ATP D . -13.86 -1.70 16.09
O2G ATP D . -14.42 -4.13 15.63
O3G ATP D . -14.46 -3.24 18.01
PB ATP D . -16.69 -1.92 14.98
O1B ATP D . -18.05 -1.32 15.24
O2B ATP D . -16.51 -2.94 13.88
O3B ATP D . -16.16 -2.56 16.36
PA ATP D . -15.48 0.46 15.80
O1A ATP D . -16.13 0.02 17.09
O2A ATP D . -14.03 0.89 15.81
O3A ATP D . -15.64 -0.72 14.72
O5' ATP D . -16.35 1.66 15.17
C5' ATP D . -17.71 1.44 14.79
C4' ATP D . -18.01 2.21 13.51
O4' ATP D . -18.01 3.61 13.79
C3' ATP D . -16.94 1.95 12.46
O3' ATP D . -17.56 1.42 11.28
C2' ATP D . -16.32 3.29 12.13
O2' ATP D . -16.56 3.61 10.76
C1' ATP D . -17.03 4.31 13.02
N9 ATP D . -17.71 5.32 12.17
C8 ATP D . -17.24 5.83 11.00
N7 ATP D . -18.10 6.72 10.47
C5 ATP D . -19.16 6.81 11.29
C6 ATP D . -20.44 7.57 11.33
N6 ATP D . -20.75 8.44 10.34
N1 ATP D . -21.27 7.35 12.36
C2 ATP D . -20.96 6.48 13.35
N3 ATP D . -19.83 5.77 13.39
C4 ATP D . -18.90 5.88 12.40
#